data_1RI8
#
_entry.id   1RI8
#
_cell.length_a   51.496
_cell.length_b   53.430
_cell.length_c   104.454
_cell.angle_alpha   90.00
_cell.angle_beta   90.00
_cell.angle_gamma   90.00
#
_symmetry.space_group_name_H-M   'P 21 21 21'
#
loop_
_entity.id
_entity.type
_entity.pdbx_description
1 polymer 'camelid ANTIBODY HEAVY CHAIN'
2 polymer 'Lysozyme C'
3 non-polymer GLYCEROL
4 water water
#
loop_
_entity_poly.entity_id
_entity_poly.type
_entity_poly.pdbx_seq_one_letter_code
_entity_poly.pdbx_strand_id
1 'polypeptide(L)'
;DVQLVESGGGSVQAGGSLRLSCAVSGYKDRNYCMGWFRRAPGKEREGVAVIDSSGRTAYADSVKGRFTISRDVALDTAYL
QMNSLKPEDTAMYYCAAGWSSLGSCGTNRNRYNYWGQGTQVTVSSRGRHHHHHH
;
A
2 'polypeptide(L)'
;KVFGRCELAAAMKRHGLDNYRGYSLGNWVCAAKFESNFNTQATNRNTDGSTDYGILQINSRWWCNDGRTPGSRNLCNIPC
SALLSSDITASVNCAKKIVSDGNGMNAWVAWRNRCKGTDVQAWIRGCRL
;
B
#
# COMPACT_ATOMS: atom_id res chain seq x y z
N VAL A 2 20.63 4.48 3.99
CA VAL A 2 20.18 3.25 3.26
C VAL A 2 20.43 3.36 1.76
N GLN A 3 20.97 2.30 1.16
CA GLN A 3 21.24 2.26 -0.27
C GLN A 3 20.68 0.97 -0.87
N LEU A 4 20.26 1.02 -2.13
CA LEU A 4 19.71 -0.15 -2.81
C LEU A 4 20.46 -0.44 -4.10
N VAL A 5 20.80 -1.69 -4.33
CA VAL A 5 21.48 -2.07 -5.56
C VAL A 5 20.61 -3.12 -6.24
N GLU A 6 20.15 -2.80 -7.43
CA GLU A 6 19.29 -3.68 -8.20
C GLU A 6 19.97 -4.25 -9.43
N SER A 7 19.56 -5.44 -9.83
CA SER A 7 20.11 -6.05 -11.02
C SER A 7 19.08 -6.97 -11.67
N GLY A 8 19.33 -7.30 -12.92
CA GLY A 8 18.41 -8.16 -13.65
C GLY A 8 17.52 -7.30 -14.52
N GLY A 9 16.64 -7.93 -15.27
CA GLY A 9 15.74 -7.18 -16.13
C GLY A 9 16.18 -7.34 -17.57
N GLY A 10 15.51 -6.64 -18.47
CA GLY A 10 15.86 -6.75 -19.88
C GLY A 10 14.68 -7.16 -20.72
N SER A 11 14.97 -7.69 -21.91
CA SER A 11 13.93 -8.11 -22.83
C SER A 11 13.79 -9.62 -22.84
N VAL A 12 12.57 -10.09 -23.06
CA VAL A 12 12.30 -11.52 -23.11
C VAL A 12 10.99 -11.70 -23.83
N GLN A 13 10.79 -12.88 -24.43
CA GLN A 13 9.56 -13.15 -25.14
C GLN A 13 8.50 -13.63 -24.16
N ALA A 14 7.24 -13.37 -24.48
CA ALA A 14 6.13 -13.77 -23.64
C ALA A 14 6.23 -15.26 -23.33
N GLY A 15 5.88 -15.61 -22.10
CA GLY A 15 5.94 -17.01 -21.69
C GLY A 15 7.25 -17.35 -21.02
N GLY A 16 8.24 -16.46 -21.17
CA GLY A 16 9.55 -16.70 -20.58
C GLY A 16 9.68 -16.20 -19.16
N SER A 17 10.90 -16.14 -18.65
CA SER A 17 11.13 -15.70 -17.28
C SER A 17 12.32 -14.75 -17.15
N LEU A 18 12.36 -14.06 -16.02
CA LEU A 18 13.44 -13.13 -15.68
C LEU A 18 13.55 -13.11 -14.17
N ARG A 19 14.75 -12.84 -13.65
CA ARG A 19 14.93 -12.77 -12.21
C ARG A 19 15.55 -11.42 -11.86
N LEU A 20 14.99 -10.73 -10.89
CA LEU A 20 15.53 -9.44 -10.46
C LEU A 20 16.08 -9.65 -9.06
N SER A 21 17.06 -8.84 -8.68
CA SER A 21 17.58 -8.95 -7.34
C SER A 21 17.72 -7.56 -6.78
N CYS A 22 17.71 -7.46 -5.45
CA CYS A 22 17.80 -6.18 -4.80
C CYS A 22 18.55 -6.33 -3.49
N ALA A 23 19.68 -5.65 -3.35
CA ALA A 23 20.48 -5.73 -2.13
C ALA A 23 20.42 -4.39 -1.41
N VAL A 24 20.11 -4.44 -0.11
CA VAL A 24 20.00 -3.24 0.70
C VAL A 24 21.14 -3.12 1.71
N SER A 25 21.53 -1.88 2.01
CA SER A 25 22.56 -1.65 3.00
C SER A 25 22.20 -0.36 3.73
N GLY A 26 22.57 -0.27 5.00
CA GLY A 26 22.25 0.94 5.73
C GLY A 26 21.30 0.78 6.91
N TYR A 27 20.56 -0.34 6.96
CA TYR A 27 19.64 -0.56 8.08
C TYR A 27 20.40 -1.08 9.29
N LYS A 28 19.91 -0.74 10.49
CA LYS A 28 20.57 -1.18 11.72
C LYS A 28 20.08 -2.55 12.18
N ASP A 29 19.01 -3.03 11.57
CA ASP A 29 18.47 -4.33 11.91
C ASP A 29 17.71 -4.83 10.69
N ARG A 30 17.00 -5.95 10.83
CA ARG A 30 16.26 -6.50 9.70
C ARG A 30 14.76 -6.22 9.78
N ASN A 31 14.38 -5.30 10.66
CA ASN A 31 12.98 -4.95 10.87
C ASN A 31 12.49 -3.93 9.84
N TYR A 32 12.42 -4.35 8.57
CA TYR A 32 11.94 -3.47 7.50
C TYR A 32 11.29 -4.29 6.40
N CYS A 33 10.62 -3.61 5.48
CA CYS A 33 9.94 -4.24 4.37
C CYS A 33 10.71 -4.11 3.05
N MET A 34 10.52 -5.07 2.16
CA MET A 34 11.14 -5.03 0.84
C MET A 34 10.07 -5.42 -0.17
N GLY A 35 10.09 -4.77 -1.34
CA GLY A 35 9.11 -5.12 -2.34
C GLY A 35 9.46 -4.57 -3.70
N TRP A 36 8.67 -4.97 -4.69
CA TRP A 36 8.86 -4.48 -6.04
C TRP A 36 7.59 -3.78 -6.48
N PHE A 37 7.78 -2.63 -7.12
CA PHE A 37 6.71 -1.80 -7.62
C PHE A 37 7.03 -1.55 -9.08
N ARG A 38 6.02 -1.52 -9.93
CA ARG A 38 6.28 -1.31 -11.35
C ARG A 38 5.43 -0.20 -11.93
N ARG A 39 5.98 0.48 -12.93
CA ARG A 39 5.27 1.56 -13.60
C ARG A 39 5.17 1.19 -15.07
N ALA A 40 3.97 0.82 -15.50
CA ALA A 40 3.74 0.47 -16.90
C ALA A 40 3.58 1.81 -17.61
N PRO A 41 3.90 1.86 -18.91
CA PRO A 41 3.77 3.11 -19.66
C PRO A 41 2.41 3.79 -19.47
N GLY A 42 2.45 5.06 -19.07
CA GLY A 42 1.23 5.82 -18.87
C GLY A 42 0.42 5.46 -17.64
N LYS A 43 0.96 4.59 -16.80
CA LYS A 43 0.25 4.20 -15.59
C LYS A 43 1.00 4.61 -14.33
N GLU A 44 0.35 4.42 -13.17
CA GLU A 44 0.97 4.78 -11.90
C GLU A 44 1.66 3.53 -11.34
N ARG A 45 2.61 3.73 -10.44
CA ARG A 45 3.32 2.60 -9.86
C ARG A 45 2.36 1.68 -9.09
N GLU A 46 2.53 0.39 -9.31
CA GLU A 46 1.70 -0.63 -8.68
C GLU A 46 2.59 -1.58 -7.87
N GLY A 47 2.23 -1.85 -6.63
CA GLY A 47 3.03 -2.77 -5.83
C GLY A 47 2.65 -4.17 -6.30
N VAL A 48 3.62 -4.98 -6.68
CA VAL A 48 3.31 -6.32 -7.18
C VAL A 48 3.70 -7.47 -6.27
N ALA A 49 4.72 -7.26 -5.44
CA ALA A 49 5.17 -8.33 -4.53
C ALA A 49 6.00 -7.72 -3.39
N VAL A 50 5.68 -8.09 -2.17
CA VAL A 50 6.42 -7.59 -1.02
C VAL A 50 6.69 -8.74 -0.07
N ILE A 51 7.70 -8.57 0.77
CA ILE A 51 8.07 -9.63 1.69
C ILE A 51 8.61 -9.04 2.99
N ASP A 52 8.18 -9.62 4.12
CA ASP A 52 8.63 -9.13 5.42
C ASP A 52 9.83 -9.88 5.99
N SER A 53 10.27 -9.47 7.16
CA SER A 53 11.42 -10.10 7.82
C SER A 53 11.18 -11.53 8.24
N SER A 54 9.92 -11.96 8.19
CA SER A 54 9.58 -13.34 8.57
C SER A 54 9.52 -14.22 7.34
N GLY A 55 9.77 -13.64 6.17
CA GLY A 55 9.71 -14.41 4.95
C GLY A 55 8.30 -14.52 4.39
N ARG A 56 7.33 -13.87 5.01
CA ARG A 56 5.94 -13.92 4.53
C ARG A 56 5.78 -12.98 3.34
N THR A 57 4.89 -13.33 2.41
CA THR A 57 4.73 -12.54 1.19
C THR A 57 3.31 -12.12 0.87
N ALA A 58 3.19 -11.12 -0.02
CA ALA A 58 1.89 -10.62 -0.47
C ALA A 58 2.10 -10.23 -1.92
N TYR A 59 1.09 -10.48 -2.77
CA TYR A 59 1.18 -10.17 -4.20
C TYR A 59 -0.05 -9.48 -4.76
N ALA A 60 0.16 -8.74 -5.84
CA ALA A 60 -0.94 -8.10 -6.55
C ALA A 60 -1.64 -9.27 -7.25
N ASP A 61 -2.97 -9.22 -7.40
CA ASP A 61 -3.67 -10.31 -8.06
C ASP A 61 -3.16 -10.59 -9.47
N SER A 62 -2.78 -9.54 -10.17
CA SER A 62 -2.30 -9.67 -11.55
C SER A 62 -1.04 -10.53 -11.73
N VAL A 63 -0.30 -10.77 -10.65
CA VAL A 63 0.94 -11.55 -10.77
C VAL A 63 1.03 -12.78 -9.88
N LYS A 64 0.06 -12.94 -9.00
CA LYS A 64 0.06 -14.09 -8.09
C LYS A 64 0.24 -15.40 -8.84
N GLY A 65 1.13 -16.25 -8.33
CA GLY A 65 1.36 -17.52 -8.99
C GLY A 65 2.49 -17.47 -10.01
N ARG A 66 2.61 -16.34 -10.69
CA ARG A 66 3.66 -16.17 -11.70
C ARG A 66 4.92 -15.54 -11.14
N PHE A 67 4.77 -14.59 -10.23
CA PHE A 67 5.92 -13.92 -9.61
C PHE A 67 6.12 -14.48 -8.21
N THR A 68 7.36 -14.74 -7.85
CA THR A 68 7.67 -15.24 -6.51
C THR A 68 8.75 -14.38 -5.91
N ILE A 69 8.47 -13.74 -4.78
CA ILE A 69 9.48 -12.91 -4.15
C ILE A 69 10.07 -13.73 -2.99
N SER A 70 11.38 -13.64 -2.81
CA SER A 70 12.05 -14.36 -1.73
C SER A 70 13.01 -13.37 -1.10
N ARG A 71 13.49 -13.68 0.10
CA ARG A 71 14.40 -12.77 0.79
C ARG A 71 15.35 -13.50 1.72
N ASP A 72 16.64 -13.20 1.58
CA ASP A 72 17.65 -13.78 2.46
C ASP A 72 17.75 -12.67 3.49
N VAL A 73 16.97 -12.80 4.56
CA VAL A 73 16.91 -11.77 5.58
C VAL A 73 18.25 -11.36 6.18
N ALA A 74 19.09 -12.34 6.52
CA ALA A 74 20.39 -12.01 7.10
C ALA A 74 21.32 -11.33 6.11
N LEU A 75 21.03 -11.48 4.81
CA LEU A 75 21.86 -10.86 3.77
C LEU A 75 21.28 -9.57 3.22
N ASP A 76 20.15 -9.14 3.76
CA ASP A 76 19.49 -7.92 3.32
C ASP A 76 19.35 -7.91 1.80
N THR A 77 18.92 -9.04 1.24
CA THR A 77 18.75 -9.15 -0.21
C THR A 77 17.43 -9.84 -0.55
N ALA A 78 16.79 -9.39 -1.62
CA ALA A 78 15.53 -10.00 -2.05
C ALA A 78 15.63 -10.32 -3.54
N TYR A 79 14.79 -11.25 -3.99
CA TYR A 79 14.77 -11.68 -5.37
C TYR A 79 13.34 -11.76 -5.88
N LEU A 80 13.16 -11.47 -7.16
CA LEU A 80 11.84 -11.54 -7.75
C LEU A 80 11.98 -12.50 -8.92
N GLN A 81 11.41 -13.69 -8.80
CA GLN A 81 11.47 -14.68 -9.87
C GLN A 81 10.19 -14.54 -10.66
N MET A 82 10.30 -14.02 -11.88
CA MET A 82 9.12 -13.81 -12.72
C MET A 82 9.00 -14.89 -13.79
N ASN A 83 8.03 -15.78 -13.63
CA ASN A 83 7.81 -16.87 -14.58
C ASN A 83 6.58 -16.61 -15.43
N SER A 84 6.55 -17.21 -16.61
CA SER A 84 5.42 -17.07 -17.54
C SER A 84 5.04 -15.60 -17.74
N LEU A 85 6.02 -14.79 -18.14
CA LEU A 85 5.81 -13.37 -18.36
C LEU A 85 4.83 -13.10 -19.50
N LYS A 86 4.14 -11.97 -19.40
CA LYS A 86 3.16 -11.56 -20.40
C LYS A 86 3.51 -10.15 -20.84
N PRO A 87 3.05 -9.74 -22.03
CA PRO A 87 3.33 -8.38 -22.53
C PRO A 87 2.92 -7.31 -21.52
N GLU A 88 1.79 -7.54 -20.85
CA GLU A 88 1.26 -6.60 -19.86
C GLU A 88 2.18 -6.43 -18.67
N ASP A 89 3.22 -7.25 -18.59
CA ASP A 89 4.18 -7.16 -17.48
C ASP A 89 5.29 -6.16 -17.79
N THR A 90 5.30 -5.64 -19.02
CA THR A 90 6.31 -4.69 -19.45
C THR A 90 6.22 -3.44 -18.57
N ALA A 91 7.35 -3.02 -18.02
CA ALA A 91 7.36 -1.83 -17.15
C ALA A 91 8.73 -1.61 -16.55
N MET A 92 8.88 -0.48 -15.86
CA MET A 92 10.12 -0.19 -15.16
C MET A 92 9.82 -0.79 -13.79
N TYR A 93 10.68 -1.68 -13.32
CA TYR A 93 10.49 -2.32 -12.01
C TYR A 93 11.39 -1.68 -10.99
N TYR A 94 10.81 -1.34 -9.83
CA TYR A 94 11.55 -0.72 -8.75
C TYR A 94 11.52 -1.50 -7.46
N CYS A 95 12.70 -1.76 -6.92
CA CYS A 95 12.78 -2.39 -5.61
C CYS A 95 12.67 -1.23 -4.64
N ALA A 96 12.05 -1.46 -3.48
CA ALA A 96 11.90 -0.42 -2.49
C ALA A 96 11.92 -1.06 -1.10
N ALA A 97 12.36 -0.28 -0.13
CA ALA A 97 12.41 -0.75 1.26
C ALA A 97 11.55 0.22 2.06
N GLY A 98 10.91 -0.28 3.12
CA GLY A 98 10.06 0.61 3.89
C GLY A 98 9.80 0.16 5.31
N TRP A 99 9.01 0.94 6.03
CA TRP A 99 8.69 0.67 7.42
C TRP A 99 7.78 -0.53 7.58
N SER A 100 8.11 -1.42 8.51
CA SER A 100 7.25 -2.56 8.76
C SER A 100 6.35 -2.15 9.92
N SER A 101 5.26 -2.87 10.11
CA SER A 101 4.31 -2.56 11.18
C SER A 101 4.08 -3.88 11.92
N LEU A 102 4.75 -4.02 13.07
CA LEU A 102 4.71 -5.25 13.85
C LEU A 102 4.95 -6.44 12.94
N GLY A 103 6.00 -6.33 12.12
CA GLY A 103 6.36 -7.42 11.23
C GLY A 103 5.54 -7.61 9.98
N SER A 104 4.57 -6.74 9.72
CA SER A 104 3.77 -6.89 8.49
C SER A 104 4.17 -5.86 7.44
N CYS A 105 4.09 -6.27 6.19
CA CYS A 105 4.42 -5.42 5.04
C CYS A 105 3.28 -5.47 4.03
N GLY A 106 3.06 -4.37 3.30
CA GLY A 106 1.98 -4.35 2.33
C GLY A 106 2.40 -3.76 0.98
N THR A 107 1.46 -3.69 0.04
CA THR A 107 1.75 -3.20 -1.29
C THR A 107 1.52 -1.71 -1.53
N ASN A 108 1.34 -0.94 -0.46
CA ASN A 108 1.14 0.51 -0.61
C ASN A 108 2.48 1.21 -0.76
N ARG A 109 2.76 1.73 -1.97
CA ARG A 109 4.04 2.40 -2.23
C ARG A 109 4.39 3.53 -1.26
N ASN A 110 3.38 4.19 -0.70
CA ASN A 110 3.66 5.29 0.22
C ASN A 110 4.31 4.86 1.52
N ARG A 111 4.28 3.56 1.81
CA ARG A 111 4.90 3.08 3.03
C ARG A 111 6.33 2.60 2.79
N TYR A 112 6.89 2.95 1.63
CA TYR A 112 8.26 2.59 1.30
C TYR A 112 9.00 3.90 1.10
N ASN A 113 10.07 4.11 1.86
CA ASN A 113 10.79 5.36 1.80
C ASN A 113 12.18 5.35 1.18
N TYR A 114 12.63 4.18 0.71
CA TYR A 114 13.95 4.09 0.05
C TYR A 114 13.76 3.37 -1.27
N TRP A 115 14.08 4.07 -2.36
CA TRP A 115 13.92 3.56 -3.72
C TRP A 115 15.23 3.66 -4.49
N GLY A 116 15.27 2.99 -5.64
CA GLY A 116 16.48 2.99 -6.45
C GLY A 116 16.27 3.43 -7.88
N GLN A 117 17.18 3.03 -8.74
CA GLN A 117 17.13 3.38 -10.15
C GLN A 117 16.10 2.57 -10.91
N GLY A 118 15.77 1.39 -10.39
CA GLY A 118 14.80 0.54 -11.07
C GLY A 118 15.42 -0.17 -12.25
N THR A 119 14.66 -1.06 -12.85
CA THR A 119 15.16 -1.79 -14.00
C THR A 119 14.05 -1.99 -15.00
N GLN A 120 14.38 -1.87 -16.28
CA GLN A 120 13.39 -2.05 -17.33
C GLN A 120 13.20 -3.53 -17.64
N VAL A 121 11.94 -3.91 -17.78
CA VAL A 121 11.56 -5.27 -18.15
C VAL A 121 10.63 -5.10 -19.34
N THR A 122 10.99 -5.73 -20.47
CA THR A 122 10.17 -5.63 -21.67
C THR A 122 9.87 -7.02 -22.20
N VAL A 123 8.58 -7.33 -22.29
CA VAL A 123 8.11 -8.63 -22.75
C VAL A 123 7.44 -8.50 -24.09
N SER A 124 8.07 -9.05 -25.12
CA SER A 124 7.54 -9.00 -26.49
C SER A 124 6.59 -10.16 -26.73
N SER A 125 5.52 -9.89 -27.48
CA SER A 125 4.52 -10.92 -27.78
C SER A 125 5.10 -12.01 -28.68
N LYS B 1 -13.51 5.32 -8.02
CA LYS B 1 -13.49 6.79 -8.17
C LYS B 1 -12.22 7.34 -7.56
N VAL B 2 -11.60 8.30 -8.24
CA VAL B 2 -10.41 8.93 -7.69
C VAL B 2 -10.81 10.36 -7.37
N PHE B 3 -10.88 10.68 -6.08
CA PHE B 3 -11.26 12.02 -5.65
C PHE B 3 -10.17 13.05 -5.88
N GLY B 4 -10.60 14.30 -6.07
CA GLY B 4 -9.65 15.38 -6.17
C GLY B 4 -9.43 15.72 -4.70
N ARG B 5 -8.32 16.38 -4.37
CA ARG B 5 -8.02 16.75 -2.98
C ARG B 5 -9.11 17.57 -2.30
N CYS B 6 -9.48 18.69 -2.91
CA CYS B 6 -10.51 19.53 -2.30
C CYS B 6 -11.90 18.90 -2.34
N GLU B 7 -12.14 18.09 -3.36
CA GLU B 7 -13.42 17.40 -3.49
C GLU B 7 -13.57 16.48 -2.28
N LEU B 8 -12.50 15.75 -1.97
CA LEU B 8 -12.55 14.84 -0.83
C LEU B 8 -12.63 15.62 0.49
N ALA B 9 -11.90 16.72 0.60
CA ALA B 9 -11.95 17.53 1.81
C ALA B 9 -13.39 17.96 2.07
N ALA B 10 -14.09 18.37 1.02
CA ALA B 10 -15.47 18.80 1.15
C ALA B 10 -16.36 17.64 1.60
N ALA B 11 -16.18 16.47 0.99
CA ALA B 11 -16.96 15.29 1.33
C ALA B 11 -16.72 14.85 2.77
N MET B 12 -15.45 14.84 3.19
CA MET B 12 -15.14 14.44 4.55
C MET B 12 -15.72 15.41 5.57
N LYS B 13 -15.72 16.70 5.25
CA LYS B 13 -16.28 17.68 6.16
C LYS B 13 -17.79 17.45 6.27
N ARG B 14 -18.43 17.20 5.13
CA ARG B 14 -19.87 16.94 5.09
C ARG B 14 -20.19 15.68 5.89
N HIS B 15 -19.25 14.74 5.91
CA HIS B 15 -19.42 13.47 6.64
C HIS B 15 -19.03 13.61 8.12
N GLY B 16 -18.80 14.84 8.57
CA GLY B 16 -18.49 15.10 9.97
C GLY B 16 -17.13 14.72 10.54
N LEU B 17 -16.10 14.61 9.70
CA LEU B 17 -14.78 14.24 10.19
C LEU B 17 -13.90 15.38 10.71
N ASP B 18 -14.25 16.62 10.42
CA ASP B 18 -13.42 17.73 10.88
C ASP B 18 -13.49 17.84 12.40
N ASN B 19 -12.34 17.60 13.05
CA ASN B 19 -12.20 17.63 14.51
C ASN B 19 -12.77 16.39 15.19
N TYR B 20 -13.15 15.38 14.41
CA TYR B 20 -13.66 14.14 15.01
C TYR B 20 -12.50 13.53 15.81
N ARG B 21 -12.74 13.25 17.08
CA ARG B 21 -11.71 12.73 17.99
C ARG B 21 -10.54 13.70 18.09
N GLY B 22 -10.81 14.97 17.76
CA GLY B 22 -9.77 15.99 17.85
C GLY B 22 -8.83 16.09 16.66
N TYR B 23 -9.15 15.34 15.60
CA TYR B 23 -8.33 15.34 14.39
C TYR B 23 -8.89 16.28 13.34
N SER B 24 -8.15 17.35 13.04
CA SER B 24 -8.59 18.34 12.05
C SER B 24 -8.81 17.70 10.68
N LEU B 25 -9.62 18.36 9.85
CA LEU B 25 -9.93 17.85 8.53
C LEU B 25 -8.67 17.51 7.72
N GLY B 26 -7.63 18.32 7.86
CA GLY B 26 -6.40 18.05 7.11
C GLY B 26 -5.80 16.68 7.40
N ASN B 27 -5.96 16.21 8.64
CA ASN B 27 -5.45 14.90 9.01
C ASN B 27 -6.10 13.79 8.18
N TRP B 28 -7.41 13.93 7.99
CA TRP B 28 -8.17 12.93 7.24
C TRP B 28 -7.86 12.94 5.74
N VAL B 29 -7.69 14.14 5.20
CA VAL B 29 -7.38 14.25 3.78
C VAL B 29 -5.96 13.72 3.56
N CYS B 30 -5.04 14.07 4.45
CA CYS B 30 -3.67 13.58 4.31
C CYS B 30 -3.68 12.05 4.43
N ALA B 31 -4.46 11.52 5.36
CA ALA B 31 -4.56 10.06 5.51
C ALA B 31 -4.98 9.41 4.21
N ALA B 32 -6.07 9.90 3.62
CA ALA B 32 -6.56 9.33 2.36
C ALA B 32 -5.52 9.44 1.25
N LYS B 33 -4.78 10.54 1.22
CA LYS B 33 -3.74 10.71 0.19
C LYS B 33 -2.69 9.60 0.25
N PHE B 34 -2.15 9.37 1.43
CA PHE B 34 -1.11 8.36 1.57
C PHE B 34 -1.59 6.92 1.74
N GLU B 35 -2.83 6.74 2.20
CA GLU B 35 -3.36 5.39 2.34
C GLU B 35 -3.83 4.84 1.00
N SER B 36 -4.59 5.64 0.26
CA SER B 36 -5.19 5.18 -1.00
C SER B 36 -4.97 6.02 -2.24
N ASN B 37 -4.25 7.14 -2.08
CA ASN B 37 -4.03 8.07 -3.17
C ASN B 37 -5.38 8.59 -3.70
N PHE B 38 -6.32 8.75 -2.77
CA PHE B 38 -7.67 9.25 -3.02
C PHE B 38 -8.52 8.33 -3.91
N ASN B 39 -8.10 7.08 -4.04
CA ASN B 39 -8.83 6.11 -4.88
C ASN B 39 -9.75 5.25 -4.03
N THR B 40 -11.07 5.35 -4.27
CA THR B 40 -12.03 4.56 -3.50
C THR B 40 -11.93 3.05 -3.72
N GLN B 41 -11.27 2.64 -4.81
CA GLN B 41 -11.16 1.20 -5.10
C GLN B 41 -9.79 0.62 -4.71
N ALA B 42 -8.93 1.43 -4.14
CA ALA B 42 -7.61 0.95 -3.75
C ALA B 42 -7.69 -0.25 -2.82
N THR B 43 -6.89 -1.28 -3.09
CA THR B 43 -6.84 -2.45 -2.24
C THR B 43 -5.39 -2.87 -2.19
N ASN B 44 -4.90 -3.20 -0.98
CA ASN B 44 -3.52 -3.60 -0.82
C ASN B 44 -3.43 -4.84 0.05
N ARG B 45 -2.64 -5.81 -0.35
CA ARG B 45 -2.50 -7.04 0.44
C ARG B 45 -1.31 -6.92 1.37
N ASN B 46 -1.44 -7.53 2.54
CA ASN B 46 -0.41 -7.50 3.57
C ASN B 46 0.17 -8.88 3.82
N THR B 47 1.43 -8.92 4.21
CA THR B 47 2.09 -10.20 4.46
C THR B 47 1.49 -10.94 5.66
N ASP B 48 0.73 -10.24 6.50
CA ASP B 48 0.12 -10.92 7.64
C ASP B 48 -1.18 -11.62 7.22
N GLY B 49 -1.47 -11.62 5.92
CA GLY B 49 -2.67 -12.28 5.42
C GLY B 49 -3.94 -11.43 5.31
N SER B 50 -3.88 -10.22 5.82
CA SER B 50 -5.04 -9.32 5.75
C SER B 50 -4.97 -8.51 4.47
N THR B 51 -6.04 -7.78 4.18
CA THR B 51 -6.09 -6.91 3.01
C THR B 51 -6.71 -5.60 3.49
N ASP B 52 -6.23 -4.47 2.97
CA ASP B 52 -6.75 -3.14 3.32
C ASP B 52 -7.62 -2.67 2.16
N TYR B 53 -8.78 -2.10 2.49
CA TYR B 53 -9.75 -1.69 1.49
C TYR B 53 -10.24 -0.24 1.48
N GLY B 54 -10.30 0.33 0.28
CA GLY B 54 -10.87 1.65 0.13
C GLY B 54 -10.06 2.91 0.36
N ILE B 55 -10.81 4.01 0.33
CA ILE B 55 -10.29 5.37 0.49
C ILE B 55 -9.43 5.51 1.76
N LEU B 56 -9.79 4.78 2.82
CA LEU B 56 -9.02 4.81 4.07
C LEU B 56 -8.36 3.47 4.43
N GLN B 57 -8.26 2.57 3.46
CA GLN B 57 -7.55 1.31 3.65
C GLN B 57 -7.87 0.57 4.94
N ILE B 58 -9.15 0.35 5.19
CA ILE B 58 -9.57 -0.33 6.41
C ILE B 58 -9.24 -1.82 6.30
N ASN B 59 -8.66 -2.36 7.37
CA ASN B 59 -8.16 -3.72 7.47
C ASN B 59 -9.13 -4.87 7.69
N SER B 60 -8.93 -5.95 6.93
CA SER B 60 -9.77 -7.13 7.00
C SER B 60 -9.53 -8.04 8.20
N ARG B 61 -8.51 -7.78 9.01
CA ARG B 61 -8.33 -8.66 10.17
C ARG B 61 -9.20 -8.19 11.33
N TRP B 62 -9.34 -6.87 11.48
CA TRP B 62 -10.14 -6.33 12.56
C TRP B 62 -11.47 -5.68 12.24
N TRP B 63 -11.52 -4.99 11.11
CA TRP B 63 -12.68 -4.18 10.82
C TRP B 63 -13.80 -4.59 9.87
N CYS B 64 -13.46 -5.34 8.83
CA CYS B 64 -14.48 -5.78 7.87
C CYS B 64 -14.22 -7.24 7.54
N ASN B 65 -15.23 -7.91 7.02
CA ASN B 65 -15.10 -9.33 6.68
C ASN B 65 -14.94 -9.50 5.18
N ASP B 66 -13.84 -10.09 4.75
CA ASP B 66 -13.67 -10.35 3.32
C ASP B 66 -13.69 -11.83 3.03
N GLY B 67 -13.96 -12.62 4.07
CA GLY B 67 -14.05 -14.06 3.94
C GLY B 67 -12.78 -14.81 3.59
N ARG B 68 -11.64 -14.13 3.58
CA ARG B 68 -10.38 -14.78 3.25
C ARG B 68 -9.27 -14.44 4.23
N THR B 69 -9.64 -13.90 5.38
CA THR B 69 -8.63 -13.51 6.36
C THR B 69 -8.77 -14.25 7.69
N PRO B 70 -7.84 -15.17 7.96
CA PRO B 70 -7.98 -15.88 9.25
C PRO B 70 -7.89 -14.90 10.42
N GLY B 71 -8.62 -15.20 11.50
CA GLY B 71 -8.62 -14.33 12.66
C GLY B 71 -9.45 -13.07 12.51
N SER B 72 -10.45 -13.12 11.65
CA SER B 72 -11.32 -11.98 11.38
C SER B 72 -12.24 -11.63 12.55
N ARG B 73 -12.34 -10.34 12.86
CA ARG B 73 -13.18 -9.86 13.95
C ARG B 73 -14.40 -9.05 13.45
N ASN B 74 -14.25 -8.44 12.27
CA ASN B 74 -15.30 -7.64 11.65
C ASN B 74 -16.00 -6.70 12.65
N LEU B 75 -15.19 -5.85 13.29
CA LEU B 75 -15.71 -4.93 14.28
C LEU B 75 -16.63 -3.85 13.75
N CYS B 76 -16.50 -3.51 12.46
CA CYS B 76 -17.40 -2.51 11.88
C CYS B 76 -18.67 -3.19 11.36
N ASN B 77 -18.67 -4.51 11.44
CA ASN B 77 -19.82 -5.32 11.03
C ASN B 77 -20.25 -5.04 9.60
N ILE B 78 -19.31 -5.18 8.68
CA ILE B 78 -19.60 -4.92 7.27
C ILE B 78 -18.73 -5.80 6.39
N PRO B 79 -19.17 -6.02 5.15
CA PRO B 79 -18.36 -6.83 4.23
C PRO B 79 -17.31 -5.82 3.76
N CYS B 80 -16.08 -6.26 3.51
CA CYS B 80 -15.06 -5.31 3.06
C CYS B 80 -15.44 -4.63 1.73
N SER B 81 -16.30 -5.27 0.96
CA SER B 81 -16.74 -4.70 -0.33
C SER B 81 -17.45 -3.37 -0.12
N ALA B 82 -18.04 -3.17 1.05
CA ALA B 82 -18.75 -1.95 1.35
C ALA B 82 -17.81 -0.74 1.37
N LEU B 83 -16.53 -1.03 1.60
CA LEU B 83 -15.54 0.02 1.68
C LEU B 83 -14.98 0.39 0.31
N LEU B 84 -15.46 -0.23 -0.75
CA LEU B 84 -14.96 0.07 -2.10
C LEU B 84 -15.91 0.91 -2.97
N SER B 85 -16.92 1.50 -2.35
CA SER B 85 -17.89 2.30 -3.10
C SER B 85 -17.41 3.70 -3.43
N SER B 86 -18.03 4.32 -4.43
CA SER B 86 -17.69 5.68 -4.81
C SER B 86 -18.21 6.59 -3.70
N ASP B 87 -19.16 6.07 -2.93
CA ASP B 87 -19.79 6.75 -1.80
C ASP B 87 -18.93 6.41 -0.59
N ILE B 88 -18.35 7.42 0.07
CA ILE B 88 -17.47 7.14 1.20
C ILE B 88 -18.15 6.90 2.55
N THR B 89 -19.48 6.90 2.56
CA THR B 89 -20.21 6.72 3.80
C THR B 89 -19.77 5.55 4.66
N ALA B 90 -19.72 4.35 4.07
CA ALA B 90 -19.33 3.17 4.85
C ALA B 90 -17.93 3.30 5.41
N SER B 91 -17.01 3.81 4.60
CA SER B 91 -15.62 3.97 5.07
C SER B 91 -15.54 4.98 6.20
N VAL B 92 -16.27 6.08 6.09
CA VAL B 92 -16.27 7.08 7.14
C VAL B 92 -16.86 6.53 8.42
N ASN B 93 -17.99 5.86 8.31
CA ASN B 93 -18.64 5.31 9.49
C ASN B 93 -17.74 4.32 10.23
N CYS B 94 -17.03 3.49 9.48
CA CYS B 94 -16.13 2.54 10.12
C CYS B 94 -14.90 3.28 10.67
N ALA B 95 -14.37 4.23 9.92
CA ALA B 95 -13.22 5.00 10.42
C ALA B 95 -13.57 5.69 11.75
N LYS B 96 -14.80 6.14 11.89
CA LYS B 96 -15.18 6.82 13.13
C LYS B 96 -15.14 5.84 14.30
N LYS B 97 -15.49 4.59 14.04
CA LYS B 97 -15.46 3.56 15.08
C LYS B 97 -14.02 3.24 15.45
N ILE B 98 -13.16 3.15 14.45
CA ILE B 98 -11.75 2.86 14.67
C ILE B 98 -11.06 3.96 15.46
N VAL B 99 -11.20 5.18 15.00
CA VAL B 99 -10.52 6.31 15.62
C VAL B 99 -11.02 6.66 17.02
N SER B 100 -12.20 6.19 17.37
CA SER B 100 -12.77 6.48 18.69
C SER B 100 -12.00 5.85 19.82
N ASP B 101 -11.19 4.83 19.49
CA ASP B 101 -10.39 4.18 20.53
C ASP B 101 -9.21 5.08 20.90
N GLY B 102 -8.47 4.71 21.95
CA GLY B 102 -7.37 5.55 22.41
C GLY B 102 -6.23 5.81 21.46
N ASN B 103 -5.95 4.85 20.59
CA ASN B 103 -4.85 4.96 19.65
C ASN B 103 -5.14 5.99 18.56
N GLY B 104 -6.40 6.40 18.46
CA GLY B 104 -6.78 7.40 17.49
C GLY B 104 -6.41 7.06 16.06
N MET B 105 -5.85 8.01 15.33
CA MET B 105 -5.49 7.78 13.93
C MET B 105 -4.24 6.95 13.70
N ASN B 106 -3.56 6.56 14.78
CA ASN B 106 -2.37 5.73 14.63
C ASN B 106 -2.70 4.39 13.99
N ALA B 107 -3.99 4.06 13.90
CA ALA B 107 -4.45 2.83 13.26
C ALA B 107 -4.07 2.85 11.78
N TRP B 108 -4.01 4.05 11.20
CA TRP B 108 -3.66 4.22 9.80
C TRP B 108 -2.14 4.39 9.69
N VAL B 109 -1.47 3.34 9.23
CA VAL B 109 -0.01 3.34 9.17
C VAL B 109 0.60 4.34 8.20
N ALA B 110 -0.03 4.55 7.05
CA ALA B 110 0.51 5.53 6.09
C ALA B 110 0.35 6.92 6.71
N TRP B 111 -0.78 7.15 7.38
CA TRP B 111 -0.99 8.44 8.03
C TRP B 111 0.09 8.61 9.09
N ARG B 112 0.34 7.56 9.86
CA ARG B 112 1.33 7.65 10.92
C ARG B 112 2.71 8.02 10.40
N ASN B 113 3.09 7.40 9.28
CA ASN B 113 4.41 7.65 8.72
C ASN B 113 4.58 8.84 7.79
N ARG B 114 3.46 9.33 7.25
CA ARG B 114 3.51 10.45 6.31
C ARG B 114 2.82 11.74 6.75
N CYS B 115 1.84 11.62 7.65
CA CYS B 115 1.05 12.78 8.09
C CYS B 115 1.20 13.23 9.53
N LYS B 116 1.19 12.28 10.44
CA LYS B 116 1.28 12.58 11.86
C LYS B 116 2.41 13.55 12.17
N GLY B 117 2.07 14.61 12.91
CA GLY B 117 3.07 15.58 13.30
C GLY B 117 3.48 16.60 12.24
N THR B 118 2.93 16.48 11.03
CA THR B 118 3.28 17.43 9.97
C THR B 118 2.22 18.52 9.86
N ASP B 119 2.47 19.49 9.00
CA ASP B 119 1.54 20.61 8.78
C ASP B 119 0.35 20.10 7.95
N VAL B 120 -0.51 19.31 8.57
CA VAL B 120 -1.66 18.74 7.86
C VAL B 120 -2.71 19.73 7.37
N GLN B 121 -2.74 20.94 7.95
CA GLN B 121 -3.74 21.90 7.47
C GLN B 121 -3.48 22.25 6.00
N ALA B 122 -2.24 22.10 5.56
CA ALA B 122 -1.90 22.39 4.16
C ALA B 122 -2.81 21.59 3.22
N TRP B 123 -3.21 20.40 3.65
CA TRP B 123 -4.05 19.54 2.80
C TRP B 123 -5.45 20.06 2.50
N ILE B 124 -5.90 21.09 3.21
CA ILE B 124 -7.21 21.64 2.93
C ILE B 124 -7.15 23.09 2.44
N ARG B 125 -5.94 23.63 2.30
CA ARG B 125 -5.79 25.01 1.84
C ARG B 125 -6.09 25.10 0.34
N GLY B 126 -6.73 26.18 -0.07
CA GLY B 126 -7.07 26.37 -1.47
C GLY B 126 -8.43 25.76 -1.78
N CYS B 127 -9.02 25.11 -0.78
CA CYS B 127 -10.30 24.46 -0.94
C CYS B 127 -11.45 25.33 -0.45
N ARG B 128 -12.56 25.29 -1.16
CA ARG B 128 -13.74 26.05 -0.77
C ARG B 128 -14.50 25.10 0.14
N LEU B 129 -14.50 25.38 1.44
CA LEU B 129 -15.16 24.50 2.41
C LEU B 129 -16.12 25.27 3.32
#